data_1MMS
#
_entry.id   1MMS
#
_cell.length_a   63.890
_cell.length_b   84.260
_cell.length_c   155.510
_cell.angle_alpha   90.00
_cell.angle_beta   90.00
_cell.angle_gamma   90.00
#
_symmetry.space_group_name_H-M   'P 21 21 21'
#
loop_
_entity.id
_entity.type
_entity.pdbx_description
1 polymer '23S RIBOSOMAL RNA'
2 polymer 'PROTEIN (RIBOSOMAL PROTEIN L11)'
3 non-polymer 'CADMIUM ION'
4 non-polymer 'MAGNESIUM ION'
5 non-polymer 'METHYL MERCURY ION'
6 water water
#
loop_
_entity_poly.entity_id
_entity_poly.type
_entity_poly.pdbx_seq_one_letter_code
_entity_poly.pdbx_strand_id
1 'polyribonucleotide' GCUGGGAUGUUGGCUUAGAAGCAGCCAUCAUUUAAAGAGUGCGUAACAGCUCACCAGC C,D
2 'polypeptide(L)'
;AKKVAAQIKLQLPAGKATPAPPVGPALGQHGVNIMEFCKRFNAETADKAGMILPVVITVYEDKSFTFIIKTPPASFLLKK
AAGIEKGSSEPKRKIVGKVTRKQIEEIAKTKMPDLNANSLEAAMKIIEGTAKSMGIEVVD
;
A,B
#
loop_
_chem_comp.id
_chem_comp.type
_chem_comp.name
_chem_comp.formula
A RNA linking ADENOSINE-5'-MONOPHOSPHATE 'C10 H14 N5 O7 P'
C RNA linking CYTIDINE-5'-MONOPHOSPHATE 'C9 H14 N3 O8 P'
CD non-polymer 'CADMIUM ION' 'Cd 2'
G RNA linking GUANOSINE-5'-MONOPHOSPHATE 'C10 H14 N5 O8 P'
MG non-polymer 'MAGNESIUM ION' 'Mg 2'
MMC non-polymer 'METHYL MERCURY ION' 'C H3 Hg 1'
U RNA linking URIDINE-5'-MONOPHOSPHATE 'C9 H13 N2 O9 P'
#
# COMPACT_ATOMS: atom_id res chain seq x y z
N GLN C 7 7.99 12.52 3.51
CA GLN C 7 7.14 12.16 4.69
C GLN C 7 5.70 11.84 4.28
N ILE C 8 5.31 10.57 4.45
CA ILE C 8 3.96 10.13 4.10
C ILE C 8 3.15 9.80 5.35
N LYS C 9 1.83 9.87 5.22
CA LYS C 9 0.94 9.57 6.33
C LYS C 9 -0.25 8.76 5.83
N LEU C 10 -0.72 7.85 6.67
CA LEU C 10 -1.86 7.01 6.32
C LEU C 10 -2.47 6.40 7.58
N GLN C 11 -3.65 5.80 7.43
CA GLN C 11 -4.34 5.19 8.54
C GLN C 11 -4.43 3.67 8.34
N LEU C 12 -3.49 2.95 8.93
CA LEU C 12 -3.47 1.50 8.80
C LEU C 12 -4.08 0.80 10.00
N PRO C 13 -4.84 -0.28 9.77
CA PRO C 13 -5.47 -1.03 10.87
C PRO C 13 -4.42 -1.60 11.82
N ALA C 14 -4.83 -1.86 13.05
CA ALA C 14 -3.94 -2.38 14.09
C ALA C 14 -2.93 -3.42 13.60
N GLY C 15 -3.23 -4.70 13.81
CA GLY C 15 -2.33 -5.75 13.40
C GLY C 15 -2.57 -6.25 11.98
N LYS C 16 -2.08 -5.47 11.00
CA LYS C 16 -2.22 -5.82 9.59
C LYS C 16 -1.50 -4.81 8.71
N ALA C 17 -0.86 -5.30 7.65
CA ALA C 17 -0.12 -4.45 6.71
C ALA C 17 0.38 -5.29 5.53
N THR C 18 1.03 -4.63 4.57
CA THR C 18 1.60 -5.27 3.38
C THR C 18 0.77 -5.30 2.08
N PRO C 19 -0.57 -5.22 2.18
CA PRO C 19 -1.34 -5.26 0.92
C PRO C 19 -0.94 -4.18 -0.09
N ALA C 20 -1.04 -4.52 -1.36
CA ALA C 20 -0.69 -3.58 -2.42
C ALA C 20 -1.68 -2.42 -2.45
N PRO C 21 -2.97 -2.70 -2.69
CA PRO C 21 -3.93 -1.59 -2.74
C PRO C 21 -3.87 -0.63 -1.52
N PRO C 22 -4.02 -1.16 -0.28
CA PRO C 22 -3.97 -0.30 0.91
C PRO C 22 -2.63 0.41 1.16
N VAL C 23 -1.58 -0.37 1.42
CA VAL C 23 -0.25 0.19 1.70
C VAL C 23 0.63 0.26 0.45
N GLY C 24 1.44 -0.80 0.25
CA GLY C 24 2.33 -0.89 -0.88
C GLY C 24 2.49 0.35 -1.74
N PRO C 25 1.87 0.38 -2.93
CA PRO C 25 1.92 1.50 -3.87
C PRO C 25 2.11 2.87 -3.23
N ALA C 26 1.27 3.18 -2.25
CA ALA C 26 1.33 4.46 -1.54
C ALA C 26 2.74 4.95 -1.25
N LEU C 27 3.29 4.56 -0.10
CA LEU C 27 4.62 4.97 0.28
C LEU C 27 5.66 4.14 -0.46
N GLY C 28 5.22 3.02 -1.03
CA GLY C 28 6.13 2.17 -1.78
C GLY C 28 6.69 2.90 -2.98
N GLN C 29 6.11 4.04 -3.31
CA GLN C 29 6.55 4.83 -4.45
C GLN C 29 7.35 6.06 -4.02
N HIS C 30 7.65 6.14 -2.74
CA HIS C 30 8.43 7.27 -2.20
C HIS C 30 9.83 6.79 -1.87
N GLY C 31 9.99 5.47 -1.78
CA GLY C 31 11.29 4.89 -1.48
C GLY C 31 11.22 3.84 -0.39
N VAL C 32 10.17 3.91 0.42
CA VAL C 32 9.97 2.98 1.53
C VAL C 32 10.00 1.51 1.13
N ASN C 33 10.52 0.67 2.04
CA ASN C 33 10.59 -0.77 1.81
C ASN C 33 9.47 -1.44 2.61
N ILE C 34 8.32 -1.60 1.97
CA ILE C 34 7.13 -2.19 2.58
C ILE C 34 7.39 -3.20 3.70
N MET C 35 7.86 -4.40 3.33
CA MET C 35 8.15 -5.47 4.29
C MET C 35 8.61 -5.01 5.68
N GLU C 36 9.61 -4.14 5.72
CA GLU C 36 10.16 -3.65 6.97
C GLU C 36 9.11 -2.89 7.80
N PHE C 37 8.28 -2.11 7.12
CA PHE C 37 7.22 -1.34 7.79
C PHE C 37 6.09 -2.24 8.28
N CYS C 38 5.61 -3.13 7.42
CA CYS C 38 4.53 -4.04 7.78
C CYS C 38 4.79 -4.74 9.12
N LYS C 39 5.93 -5.41 9.20
CA LYS C 39 6.30 -6.12 10.43
C LYS C 39 6.55 -5.13 11.57
N ARG C 40 7.23 -4.03 11.25
CA ARG C 40 7.51 -2.99 12.24
C ARG C 40 6.22 -2.37 12.78
N PHE C 41 5.39 -1.87 11.87
CA PHE C 41 4.12 -1.25 12.24
C PHE C 41 3.34 -2.24 13.10
N ASN C 42 3.04 -3.39 12.51
CA ASN C 42 2.28 -4.44 13.20
C ASN C 42 2.92 -4.89 14.51
N ALA C 43 4.15 -4.46 14.75
CA ALA C 43 4.85 -4.82 15.97
C ALA C 43 4.23 -4.12 17.17
N GLU C 44 4.39 -2.79 17.22
CA GLU C 44 3.86 -2.00 18.33
C GLU C 44 2.35 -1.83 18.26
N THR C 45 1.78 -1.99 17.07
CA THR C 45 0.34 -1.87 16.92
C THR C 45 -0.34 -3.12 17.49
N ALA C 46 0.43 -3.85 18.31
CA ALA C 46 -0.06 -5.06 18.96
C ALA C 46 -0.73 -4.63 20.26
N ASP C 47 -0.08 -3.72 20.97
CA ASP C 47 -0.61 -3.20 22.23
C ASP C 47 -2.06 -2.78 22.01
N LYS C 48 -2.31 -2.11 20.88
CA LYS C 48 -3.65 -1.64 20.53
C LYS C 48 -4.08 -2.29 19.21
N ALA C 49 -4.79 -3.41 19.30
CA ALA C 49 -5.24 -4.13 18.12
C ALA C 49 -6.75 -4.06 17.89
N GLY C 50 -7.14 -4.13 16.62
CA GLY C 50 -8.55 -4.08 16.26
C GLY C 50 -8.95 -2.71 15.76
N MET C 51 -8.29 -1.68 16.28
CA MET C 51 -8.59 -0.30 15.90
C MET C 51 -7.75 0.19 14.74
N ILE C 52 -8.29 1.18 14.02
CA ILE C 52 -7.60 1.78 12.89
C ILE C 52 -6.80 2.94 13.43
N LEU C 53 -5.47 2.84 13.38
CA LEU C 53 -4.62 3.91 13.89
C LEU C 53 -3.79 4.58 12.79
N PRO C 54 -3.74 5.92 12.79
CA PRO C 54 -2.97 6.69 11.81
C PRO C 54 -1.50 6.80 12.18
N VAL C 55 -0.62 6.50 11.22
CA VAL C 55 0.81 6.57 11.45
C VAL C 55 1.44 7.55 10.45
N VAL C 56 2.46 8.27 10.90
CA VAL C 56 3.15 9.23 10.03
C VAL C 56 4.54 8.72 9.72
N ILE C 57 4.67 8.12 8.54
CA ILE C 57 5.94 7.57 8.07
C ILE C 57 6.82 8.71 7.55
N THR C 58 8.11 8.62 7.85
CA THR C 58 9.07 9.62 7.39
C THR C 58 10.24 8.89 6.72
N VAL C 59 10.48 9.20 5.45
CA VAL C 59 11.56 8.57 4.70
C VAL C 59 12.72 9.51 4.45
N TYR C 60 13.92 9.09 4.89
CA TYR C 60 15.13 9.86 4.73
C TYR C 60 15.77 9.58 3.37
N GLU C 61 16.52 10.56 2.85
CA GLU C 61 17.17 10.44 1.56
C GLU C 61 17.70 9.03 1.24
N ASP C 62 18.16 8.32 2.26
CA ASP C 62 18.68 6.97 2.07
C ASP C 62 17.61 5.87 2.04
N LYS C 63 16.37 6.24 1.75
CA LYS C 63 15.25 5.30 1.68
C LYS C 63 14.85 4.69 3.03
N SER C 64 15.65 4.93 4.07
CA SER C 64 15.34 4.41 5.40
C SER C 64 14.14 5.19 5.92
N PHE C 65 13.58 4.77 7.05
CA PHE C 65 12.42 5.47 7.58
C PHE C 65 12.07 5.19 9.05
N THR C 66 11.23 6.06 9.60
CA THR C 66 10.74 5.95 10.97
C THR C 66 9.27 6.35 10.86
N PHE C 67 8.52 6.18 11.93
CA PHE C 67 7.11 6.54 11.89
C PHE C 67 6.51 6.62 13.27
N ILE C 68 5.69 7.64 13.47
CA ILE C 68 5.03 7.83 14.77
C ILE C 68 3.61 7.31 14.66
N ILE C 69 3.18 6.58 15.69
CA ILE C 69 1.83 6.03 15.73
C ILE C 69 0.98 6.90 16.65
N LYS C 70 -0.13 7.40 16.11
CA LYS C 70 -1.02 8.26 16.88
C LYS C 70 -2.29 7.53 17.29
N THR C 71 -3.16 8.26 17.98
CA THR C 71 -4.44 7.72 18.43
C THR C 71 -5.38 7.66 17.23
N PRO C 72 -6.29 6.67 17.20
CA PRO C 72 -7.24 6.53 16.09
C PRO C 72 -8.08 7.78 15.85
N PRO C 73 -8.48 8.02 14.60
CA PRO C 73 -9.30 9.19 14.26
C PRO C 73 -10.54 9.35 15.15
N ALA C 74 -11.03 10.57 15.25
CA ALA C 74 -12.20 10.84 16.06
C ALA C 74 -13.38 10.14 15.42
N SER C 75 -13.56 10.37 14.12
CA SER C 75 -14.65 9.75 13.40
C SER C 75 -14.67 8.24 13.65
N PHE C 76 -13.50 7.61 13.66
CA PHE C 76 -13.41 6.17 13.89
C PHE C 76 -13.88 5.80 15.29
N LEU C 77 -13.27 6.39 16.30
CA LEU C 77 -13.67 6.11 17.68
C LEU C 77 -15.18 6.33 17.83
N LEU C 78 -15.67 7.42 17.25
CA LEU C 78 -17.09 7.77 17.30
C LEU C 78 -17.94 6.66 16.69
N LYS C 79 -17.57 6.21 15.50
CA LYS C 79 -18.28 5.13 14.84
C LYS C 79 -18.38 3.99 15.85
N LYS C 80 -17.23 3.54 16.32
CA LYS C 80 -17.16 2.46 17.29
C LYS C 80 -18.11 2.69 18.45
N ALA C 81 -17.96 3.84 19.10
CA ALA C 81 -18.81 4.18 20.24
C ALA C 81 -20.30 4.09 19.94
N ALA C 82 -20.73 4.62 18.80
CA ALA C 82 -22.13 4.58 18.43
C ALA C 82 -22.52 3.20 17.91
N GLY C 83 -21.54 2.31 17.88
CA GLY C 83 -21.79 0.96 17.40
C GLY C 83 -22.17 0.89 15.93
N ILE C 84 -21.93 1.95 15.17
CA ILE C 84 -22.27 1.95 13.76
C ILE C 84 -21.04 1.65 12.89
N GLU C 85 -21.27 1.47 11.60
CA GLU C 85 -20.20 1.16 10.65
C GLU C 85 -19.84 2.35 9.75
N LYS C 86 -20.78 3.26 9.55
CA LYS C 86 -20.53 4.41 8.70
C LYS C 86 -21.18 5.66 9.28
N GLY C 87 -20.75 6.82 8.81
CA GLY C 87 -21.33 8.06 9.28
C GLY C 87 -22.51 8.39 8.40
N SER C 88 -23.40 9.25 8.87
CA SER C 88 -24.56 9.62 8.07
C SER C 88 -24.08 10.05 6.69
N SER C 89 -24.92 9.85 5.68
CA SER C 89 -24.57 10.25 4.32
C SER C 89 -24.92 11.73 4.23
N GLU C 90 -25.74 12.17 5.18
CA GLU C 90 -26.17 13.56 5.24
C GLU C 90 -26.21 13.97 6.71
N PRO C 91 -25.04 14.35 7.26
CA PRO C 91 -24.91 14.76 8.67
C PRO C 91 -25.93 15.82 9.05
N LYS C 92 -26.45 15.70 10.27
CA LYS C 92 -27.44 16.63 10.79
C LYS C 92 -28.83 16.39 10.18
N ARG C 93 -28.87 16.16 8.87
CA ARG C 93 -30.14 15.92 8.20
C ARG C 93 -30.64 14.52 8.55
N LYS C 94 -29.70 13.59 8.78
CA LYS C 94 -30.06 12.23 9.13
C LYS C 94 -29.13 11.69 10.18
N ILE C 95 -29.66 11.41 11.37
CA ILE C 95 -28.82 10.87 12.43
C ILE C 95 -28.77 9.36 12.27
N VAL C 96 -27.56 8.80 12.25
CA VAL C 96 -27.42 7.37 12.08
C VAL C 96 -26.96 6.66 13.34
N GLY C 97 -26.75 7.45 14.40
CA GLY C 97 -26.31 6.87 15.66
C GLY C 97 -26.26 7.90 16.77
N LYS C 98 -25.82 7.46 17.95
CA LYS C 98 -25.73 8.37 19.07
C LYS C 98 -24.78 7.86 20.14
N VAL C 99 -24.26 8.78 20.94
CA VAL C 99 -23.35 8.44 22.01
C VAL C 99 -23.63 9.31 23.23
N THR C 100 -23.33 8.77 24.39
CA THR C 100 -23.55 9.49 25.63
C THR C 100 -22.46 10.52 25.87
N ARG C 101 -22.77 11.52 26.67
CA ARG C 101 -21.81 12.58 26.99
C ARG C 101 -20.56 11.96 27.62
N LYS C 102 -20.74 10.89 28.35
CA LYS C 102 -19.62 10.21 28.99
C LYS C 102 -18.73 9.63 27.92
N GLN C 103 -19.34 9.10 26.85
CA GLN C 103 -18.58 8.52 25.75
C GLN C 103 -17.72 9.57 25.08
N ILE C 104 -18.26 10.77 24.93
CA ILE C 104 -17.50 11.85 24.32
C ILE C 104 -16.29 12.06 25.20
N GLU C 105 -16.52 12.01 26.51
CA GLU C 105 -15.46 12.18 27.50
C GLU C 105 -14.38 11.11 27.31
N GLU C 106 -14.79 9.87 27.07
CA GLU C 106 -13.84 8.78 26.88
C GLU C 106 -12.96 9.00 25.66
N ILE C 107 -13.60 9.30 24.54
CA ILE C 107 -12.90 9.54 23.29
C ILE C 107 -11.97 10.73 23.44
N ALA C 108 -12.48 11.83 23.99
CA ALA C 108 -11.67 13.02 24.18
C ALA C 108 -10.45 12.65 25.01
N LYS C 109 -10.63 11.78 25.99
CA LYS C 109 -9.54 11.37 26.85
C LYS C 109 -8.56 10.52 26.06
N THR C 110 -9.10 9.63 25.25
CA THR C 110 -8.29 8.73 24.43
C THR C 110 -7.42 9.49 23.44
N LYS C 111 -8.01 10.47 22.77
CA LYS C 111 -7.32 11.27 21.77
C LYS C 111 -6.55 12.45 22.34
N MET C 112 -6.62 12.65 23.64
CA MET C 112 -5.95 13.77 24.29
C MET C 112 -4.50 14.01 23.86
N PRO C 113 -3.68 12.93 23.80
CA PRO C 113 -2.29 13.14 23.39
C PRO C 113 -2.18 13.85 22.04
N ASP C 114 -3.17 13.64 21.18
CA ASP C 114 -3.17 14.26 19.87
C ASP C 114 -4.03 15.52 19.79
N LEU C 115 -4.72 15.84 20.87
CA LEU C 115 -5.57 17.02 20.92
C LEU C 115 -4.79 18.19 21.52
N ASN C 116 -5.19 19.40 21.18
CA ASN C 116 -4.50 20.58 21.69
C ASN C 116 -5.35 21.38 22.69
N ALA C 117 -6.33 20.71 23.29
CA ALA C 117 -7.21 21.37 24.25
C ALA C 117 -6.51 21.47 25.60
N ASN C 118 -6.73 22.60 26.28
CA ASN C 118 -6.12 22.82 27.59
C ASN C 118 -6.98 22.28 28.73
N SER C 119 -8.16 21.76 28.39
CA SER C 119 -9.07 21.23 29.39
C SER C 119 -9.89 20.09 28.81
N LEU C 120 -10.28 19.15 29.67
CA LEU C 120 -11.09 18.02 29.22
C LEU C 120 -12.36 18.52 28.56
N GLU C 121 -12.83 19.69 29.00
CA GLU C 121 -14.04 20.27 28.44
C GLU C 121 -13.80 20.65 26.99
N ALA C 122 -12.69 21.34 26.74
CA ALA C 122 -12.34 21.76 25.40
C ALA C 122 -12.15 20.53 24.52
N ALA C 123 -11.57 19.48 25.09
CA ALA C 123 -11.33 18.24 24.35
C ALA C 123 -12.64 17.63 23.87
N MET C 124 -13.61 17.60 24.77
CA MET C 124 -14.93 17.04 24.45
C MET C 124 -15.62 17.89 23.40
N LYS C 125 -15.42 19.20 23.49
CA LYS C 125 -16.01 20.11 22.53
C LYS C 125 -15.45 19.80 21.15
N ILE C 126 -14.18 19.42 21.11
CA ILE C 126 -13.54 19.09 19.85
C ILE C 126 -14.16 17.81 19.29
N ILE C 127 -14.21 16.77 20.11
CA ILE C 127 -14.81 15.51 19.70
C ILE C 127 -16.26 15.69 19.24
N GLU C 128 -17.02 16.50 19.96
CA GLU C 128 -18.41 16.74 19.60
C GLU C 128 -18.52 17.36 18.24
N GLY C 129 -17.53 18.17 17.87
CA GLY C 129 -17.55 18.80 16.58
C GLY C 129 -17.48 17.77 15.48
N THR C 130 -16.74 16.70 15.72
CA THR C 130 -16.59 15.63 14.75
C THR C 130 -17.87 14.79 14.68
N ALA C 131 -18.43 14.47 15.84
CA ALA C 131 -19.66 13.70 15.91
C ALA C 131 -20.76 14.43 15.15
N LYS C 132 -20.82 15.74 15.34
CA LYS C 132 -21.83 16.57 14.68
C LYS C 132 -21.66 16.52 13.17
N SER C 133 -20.46 16.17 12.73
CA SER C 133 -20.18 16.12 11.30
C SER C 133 -20.47 14.77 10.66
N MET C 134 -20.74 13.75 11.47
CA MET C 134 -21.01 12.43 10.93
C MET C 134 -22.37 11.87 11.33
N GLY C 135 -23.31 12.77 11.64
CA GLY C 135 -24.64 12.33 12.01
C GLY C 135 -24.69 11.46 13.27
N ILE C 136 -23.87 11.77 14.25
CA ILE C 136 -23.89 11.03 15.51
C ILE C 136 -24.30 12.03 16.58
N GLU C 137 -25.37 11.71 17.30
CA GLU C 137 -25.90 12.58 18.33
C GLU C 137 -25.33 12.25 19.70
N VAL C 138 -25.43 13.21 20.62
CA VAL C 138 -24.95 13.04 21.98
C VAL C 138 -26.11 13.09 22.97
N VAL C 139 -26.15 12.13 23.90
CA VAL C 139 -27.21 12.07 24.89
C VAL C 139 -26.67 11.78 26.30
N LYS D 70 3.59 -19.63 -12.23
CA LYS D 70 4.03 -19.61 -13.65
C LYS D 70 5.45 -19.10 -13.82
N THR D 71 5.99 -19.27 -15.03
CA THR D 71 7.34 -18.83 -15.32
C THR D 71 7.35 -17.32 -15.59
N PRO D 72 8.47 -16.65 -15.26
CA PRO D 72 8.59 -15.22 -15.47
C PRO D 72 8.30 -14.85 -16.92
N PRO D 73 7.96 -13.59 -17.18
CA PRO D 73 7.67 -13.18 -18.55
C PRO D 73 8.88 -13.41 -19.44
N ALA D 74 8.65 -13.53 -20.74
CA ALA D 74 9.73 -13.74 -21.68
C ALA D 74 10.65 -12.54 -21.60
N SER D 75 10.07 -11.34 -21.62
CA SER D 75 10.85 -10.11 -21.55
C SER D 75 11.72 -10.09 -20.30
N PHE D 76 11.19 -10.59 -19.20
CA PHE D 76 11.95 -10.60 -17.97
C PHE D 76 13.16 -11.48 -18.14
N LEU D 77 12.92 -12.73 -18.55
CA LEU D 77 14.00 -13.69 -18.76
C LEU D 77 15.02 -13.14 -19.76
N LEU D 78 14.53 -12.44 -20.77
CA LEU D 78 15.39 -11.87 -21.79
C LEU D 78 16.28 -10.79 -21.17
N LYS D 79 15.68 -9.86 -20.43
CA LYS D 79 16.43 -8.78 -19.77
C LYS D 79 17.58 -9.37 -18.98
N LYS D 80 17.28 -10.42 -18.21
CA LYS D 80 18.27 -11.10 -17.38
C LYS D 80 19.40 -11.69 -18.20
N ALA D 81 19.05 -12.44 -19.24
CA ALA D 81 20.05 -13.07 -20.09
C ALA D 81 20.99 -12.04 -20.72
N ALA D 82 20.43 -10.92 -21.16
CA ALA D 82 21.21 -9.87 -21.79
C ALA D 82 22.01 -9.07 -20.76
N GLY D 83 21.66 -9.22 -19.49
CA GLY D 83 22.35 -8.52 -18.43
C GLY D 83 21.99 -7.04 -18.34
N ILE D 84 20.77 -6.69 -18.72
CA ILE D 84 20.31 -5.31 -18.66
C ILE D 84 19.16 -5.23 -17.67
N GLU D 85 18.73 -4.02 -17.35
CA GLU D 85 17.64 -3.84 -16.41
C GLU D 85 16.40 -3.26 -17.07
N LYS D 86 16.56 -2.74 -18.28
CA LYS D 86 15.43 -2.19 -19.01
C LYS D 86 15.51 -2.52 -20.49
N GLY D 87 14.36 -2.60 -21.14
CA GLY D 87 14.36 -2.88 -22.55
C GLY D 87 14.64 -1.58 -23.26
N SER D 88 14.87 -1.64 -24.57
CA SER D 88 15.15 -0.44 -25.32
C SER D 88 13.90 0.42 -25.36
N SER D 89 14.07 1.74 -25.38
CA SER D 89 12.95 2.65 -25.42
C SER D 89 12.49 2.80 -26.87
N GLU D 90 13.34 2.33 -27.78
CA GLU D 90 13.05 2.38 -29.21
C GLU D 90 13.52 1.08 -29.82
N PRO D 91 12.75 0.00 -29.64
CA PRO D 91 13.12 -1.31 -30.20
C PRO D 91 13.47 -1.23 -31.68
N LYS D 92 14.42 -2.08 -32.09
CA LYS D 92 14.89 -2.13 -33.48
C LYS D 92 15.79 -0.96 -33.82
N ARG D 93 15.38 0.25 -33.43
CA ARG D 93 16.16 1.46 -33.70
C ARG D 93 17.35 1.61 -32.75
N LYS D 94 17.23 1.09 -31.54
CA LYS D 94 18.30 1.18 -30.57
C LYS D 94 18.41 -0.11 -29.80
N ILE D 95 19.52 -0.82 -29.96
CA ILE D 95 19.72 -2.08 -29.27
C ILE D 95 20.36 -1.83 -27.91
N VAL D 96 19.73 -2.36 -26.87
CA VAL D 96 20.23 -2.17 -25.51
C VAL D 96 20.96 -3.39 -24.98
N GLY D 97 20.90 -4.50 -25.71
CA GLY D 97 21.55 -5.70 -25.24
C GLY D 97 21.51 -6.77 -26.30
N LYS D 98 22.09 -7.92 -26.00
CA LYS D 98 22.13 -9.00 -26.96
C LYS D 98 22.26 -10.35 -26.25
N VAL D 99 21.65 -11.38 -26.84
CA VAL D 99 21.71 -12.73 -26.31
C VAL D 99 22.12 -13.71 -27.39
N THR D 100 22.74 -14.81 -26.98
CA THR D 100 23.19 -15.85 -27.90
C THR D 100 22.01 -16.73 -28.26
N ARG D 101 22.05 -17.31 -29.45
CA ARG D 101 20.99 -18.20 -29.88
C ARG D 101 20.88 -19.30 -28.85
N LYS D 102 21.97 -19.58 -28.15
CA LYS D 102 21.98 -20.60 -27.11
C LYS D 102 21.17 -20.11 -25.93
N GLN D 103 21.31 -18.82 -25.62
CA GLN D 103 20.57 -18.25 -24.52
C GLN D 103 19.08 -18.30 -24.84
N ILE D 104 18.74 -17.92 -26.07
CA ILE D 104 17.36 -17.94 -26.51
C ILE D 104 16.77 -19.32 -26.28
N GLU D 105 17.57 -20.35 -26.52
CA GLU D 105 17.15 -21.73 -26.35
C GLU D 105 16.84 -22.03 -24.88
N GLU D 106 17.71 -21.58 -23.98
CA GLU D 106 17.51 -21.82 -22.55
C GLU D 106 16.22 -21.20 -22.05
N ILE D 107 15.87 -20.05 -22.60
CA ILE D 107 14.64 -19.38 -22.18
C ILE D 107 13.43 -20.14 -22.72
N ALA D 108 13.49 -20.52 -23.99
CA ALA D 108 12.40 -21.24 -24.61
C ALA D 108 12.12 -22.51 -23.81
N LYS D 109 13.18 -23.13 -23.32
CA LYS D 109 13.05 -24.35 -22.53
C LYS D 109 12.37 -24.03 -21.20
N THR D 110 12.79 -22.93 -20.60
CA THR D 110 12.23 -22.52 -19.31
C THR D 110 10.74 -22.21 -19.44
N LYS D 111 10.40 -21.40 -20.45
CA LYS D 111 9.01 -20.99 -20.67
C LYS D 111 8.17 -22.00 -21.46
N MET D 112 8.78 -23.08 -21.92
CA MET D 112 8.05 -24.09 -22.69
C MET D 112 6.68 -24.48 -22.12
N PRO D 113 6.62 -24.83 -20.83
CA PRO D 113 5.32 -25.20 -20.26
C PRO D 113 4.23 -24.15 -20.50
N ASP D 114 4.60 -22.88 -20.58
CA ASP D 114 3.63 -21.81 -20.79
C ASP D 114 3.44 -21.49 -22.27
N LEU D 115 4.29 -22.05 -23.12
CA LEU D 115 4.22 -21.81 -24.55
C LEU D 115 3.29 -22.80 -25.24
N ASN D 116 2.65 -22.37 -26.32
CA ASN D 116 1.77 -23.25 -27.06
C ASN D 116 2.51 -23.83 -28.28
N ALA D 117 3.81 -23.60 -28.33
CA ALA D 117 4.64 -24.10 -29.42
C ALA D 117 4.72 -25.61 -29.34
N ASN D 118 4.99 -26.25 -30.47
CA ASN D 118 5.08 -27.70 -30.53
C ASN D 118 6.50 -28.21 -30.72
N SER D 119 7.44 -27.31 -30.91
CA SER D 119 8.84 -27.68 -31.12
C SER D 119 9.79 -26.65 -30.53
N LEU D 120 10.94 -27.12 -30.04
CA LEU D 120 11.93 -26.21 -29.48
C LEU D 120 12.22 -25.12 -30.50
N GLU D 121 12.26 -25.51 -31.77
CA GLU D 121 12.51 -24.58 -32.87
C GLU D 121 11.43 -23.50 -32.86
N ALA D 122 10.17 -23.93 -32.73
CA ALA D 122 9.04 -23.01 -32.73
C ALA D 122 9.05 -22.15 -31.46
N ALA D 123 9.33 -22.78 -30.34
CA ALA D 123 9.39 -22.09 -29.06
C ALA D 123 10.38 -20.94 -29.13
N MET D 124 11.58 -21.23 -29.61
CA MET D 124 12.64 -20.22 -29.73
C MET D 124 12.27 -19.07 -30.64
N LYS D 125 11.41 -19.35 -31.62
CA LYS D 125 10.97 -18.31 -32.55
C LYS D 125 10.01 -17.39 -31.78
N ILE D 126 9.42 -17.93 -30.72
CA ILE D 126 8.48 -17.18 -29.89
C ILE D 126 9.23 -16.18 -29.02
N ILE D 127 10.28 -16.65 -28.35
CA ILE D 127 11.08 -15.79 -27.50
C ILE D 127 11.73 -14.70 -28.34
N GLU D 128 12.34 -15.10 -29.45
CA GLU D 128 12.98 -14.15 -30.34
C GLU D 128 12.04 -13.01 -30.68
N GLY D 129 10.77 -13.34 -30.87
CA GLY D 129 9.79 -12.32 -31.19
C GLY D 129 9.74 -11.29 -30.08
N THR D 130 9.81 -11.77 -28.85
CA THR D 130 9.79 -10.86 -27.71
C THR D 130 11.08 -10.06 -27.72
N ALA D 131 12.21 -10.75 -27.84
CA ALA D 131 13.52 -10.11 -27.86
C ALA D 131 13.61 -9.01 -28.91
N LYS D 132 13.03 -9.25 -30.07
CA LYS D 132 13.08 -8.27 -31.14
C LYS D 132 12.21 -7.07 -30.81
N SER D 133 11.25 -7.26 -29.92
CA SER D 133 10.35 -6.19 -29.54
C SER D 133 10.88 -5.31 -28.43
N MET D 134 12.05 -5.64 -27.90
CA MET D 134 12.62 -4.85 -26.82
C MET D 134 14.08 -4.47 -27.00
N GLY D 135 14.49 -4.35 -28.26
CA GLY D 135 15.86 -3.97 -28.55
C GLY D 135 16.96 -4.92 -28.07
N ILE D 136 16.70 -6.22 -28.14
CA ILE D 136 17.74 -7.16 -27.74
C ILE D 136 18.07 -7.99 -28.98
N GLU D 137 19.35 -7.94 -29.37
CA GLU D 137 19.84 -8.65 -30.54
C GLU D 137 20.23 -10.07 -30.19
N VAL D 138 20.10 -10.96 -31.17
CA VAL D 138 20.47 -12.36 -30.98
C VAL D 138 21.74 -12.64 -31.77
N VAL D 139 22.68 -13.36 -31.17
CA VAL D 139 23.94 -13.68 -31.82
C VAL D 139 24.45 -15.08 -31.44
CD CD E . -3.76 22.48 2.14
CD CD F . -7.28 27.45 7.92
MG MG G . -8.91 18.23 -5.38
CD CD H . -14.26 5.95 -11.49
MG MG I . -12.00 12.70 4.52
MG MG J . -1.75 42.53 8.53
MG MG K . -1.43 45.26 3.21
MG MG L . -12.36 16.13 -2.36
MG MG M . 1.69 33.36 19.55
MG MG N . -14.29 17.16 1.25
MG MG O . -12.60 31.01 16.20
MG MG P . 3.01 36.10 2.78
HG MMC Q . -17.98 25.13 3.38
HG MMC R . -6.12 8.66 1.66
CD CD S . -6.18 -11.07 -31.90
CD CD T . 0.77 11.79 -13.74
MG MG U . -12.79 -8.61 -27.13
MG MG V . -1.75 1.59 -23.04
MG MG W . -22.25 -10.56 -41.28
MG MG X . -19.63 -17.07 -42.65
MG MG Y . -20.25 -12.15 -33.67
MG MG Z . 2.97 -4.20 -21.42
MG MG AA . 0.83 -0.76 -25.35
MG MG BA . -6.50 3.35 -21.88
CD CD CA . -8.91 -7.17 -25.01
MG MG DA . -0.15 -15.20 -38.60
HG MMC EA . -0.36 -4.23 -14.32
HG MMC FA . 0.25 -1.36 -34.65
HG MMC GA . -11.68 -5.34 -12.11
MG MG HA . -16.82 12.96 34.61
CD CD IA . -6.28 18.46 28.03
CD CD JA . -5.02 11.55 16.07
HG MMC KA . 3.80 -7.66 7.01
HG MMC LA . 1.96 -2.45 3.92
HG MMC MA . 3.28 11.32 -1.86
#